data_1TF8
#
_entry.id   1TF8
#
_cell.length_a   61.339
_cell.length_b   61.339
_cell.length_c   144.964
_cell.angle_alpha   90.00
_cell.angle_beta   90.00
_cell.angle_gamma   90.00
#
_symmetry.space_group_name_H-M   'P 41 21 2'
#
loop_
_entity.id
_entity.type
_entity.pdbx_description
1 polymer Aminopeptidase
2 non-polymer 'ZINC ION'
3 non-polymer 'CALCIUM ION'
4 non-polymer TRYPTOPHAN
5 water water
#
_entity_poly.entity_id   1
_entity_poly.type   'polypeptide(L)'
_entity_poly.pdbx_seq_one_letter_code
;APDIPLANVKAHLTQLSTIAANNGGNRAHGRPGYKASVDYVKAKLDAAGYTTTLQQFTSGGATGYNLIANWPGGDPNKVL
MAGAHLDSVSSGAGINDNGSGSAAVLETALAVSRAGYQPDKHLRFAWWGAEELGLIGSKFYVNNLPSADRSKLAGYLNFD
MIGSPNPGYFVYDDDPVIEKTFKNYFAGLNVPTEIETEGDGRSDHAPFKNVGVPVGGLFTGAGYTKSAAQAQKWGGTAGQ
AFDRCYHSSCDSLSNINDTALDRNSDAAAHAIWTLSSGTGEPPT
;
_entity_poly.pdbx_strand_id   A
#
loop_
_chem_comp.id
_chem_comp.type
_chem_comp.name
_chem_comp.formula
CA non-polymer 'CALCIUM ION' 'Ca 2'
ZN non-polymer 'ZINC ION' 'Zn 2'
#
# COMPACT_ATOMS: atom_id res chain seq x y z
N ALA A 1 -2.08 -3.23 18.51
CA ALA A 1 -2.04 -3.81 17.18
C ALA A 1 -1.17 -5.07 17.25
N PRO A 2 -1.44 -6.05 16.39
CA PRO A 2 -0.50 -7.15 16.27
C PRO A 2 0.78 -6.74 15.52
N ASP A 3 1.79 -7.54 15.84
N ASP A 3 1.86 -7.51 15.72
CA ASP A 3 2.93 -7.53 14.94
CA ASP A 3 3.12 -7.52 14.98
C ASP A 3 2.44 -8.08 13.61
C ASP A 3 2.93 -8.27 13.66
N ILE A 4 2.93 -7.58 12.50
CA ILE A 4 2.68 -8.27 11.23
C ILE A 4 3.84 -9.18 10.90
N PRO A 5 3.63 -10.48 10.67
CA PRO A 5 4.76 -11.38 10.40
C PRO A 5 5.40 -11.08 9.05
N LEU A 6 6.68 -10.76 9.11
CA LEU A 6 7.40 -10.40 7.91
C LEU A 6 7.31 -11.56 6.93
N ALA A 7 7.43 -12.79 7.41
CA ALA A 7 7.45 -13.92 6.48
C ALA A 7 6.14 -13.98 5.70
N ASN A 8 5.03 -13.59 6.31
CA ASN A 8 3.73 -13.64 5.62
C ASN A 8 3.70 -12.60 4.49
N VAL A 9 4.26 -11.43 4.78
CA VAL A 9 4.32 -10.37 3.75
C VAL A 9 5.19 -10.82 2.59
N LYS A 10 6.36 -11.36 2.92
CA LYS A 10 7.29 -11.88 1.90
C LYS A 10 6.62 -12.96 1.08
N ALA A 11 5.78 -13.80 1.69
CA ALA A 11 5.11 -14.87 0.94
C ALA A 11 4.12 -14.30 -0.06
N HIS A 12 3.42 -13.17 0.26
CA HIS A 12 2.60 -12.53 -0.77
C HIS A 12 3.46 -12.03 -1.92
N LEU A 13 4.62 -11.48 -1.63
CA LEU A 13 5.52 -11.04 -2.70
C LEU A 13 5.94 -12.23 -3.57
N THR A 14 6.26 -13.36 -2.98
CA THR A 14 6.60 -14.53 -3.77
C THR A 14 5.44 -14.92 -4.68
N GLN A 15 4.19 -14.87 -4.20
CA GLN A 15 3.07 -15.18 -5.10
C GLN A 15 2.95 -14.16 -6.22
N LEU A 16 3.12 -12.88 -5.94
CA LEU A 16 3.07 -11.87 -7.01
C LEU A 16 4.21 -12.06 -7.99
N SER A 17 5.38 -12.46 -7.59
CA SER A 17 6.50 -12.73 -8.47
C SER A 17 6.17 -13.89 -9.42
N THR A 18 5.60 -14.97 -8.87
CA THR A 18 5.20 -16.10 -9.70
C THR A 18 4.12 -15.73 -10.69
N ILE A 19 3.16 -14.90 -10.25
CA ILE A 19 2.11 -14.40 -11.13
C ILE A 19 2.74 -13.63 -12.27
N ALA A 20 3.69 -12.75 -11.98
CA ALA A 20 4.35 -12.03 -13.10
C ALA A 20 5.04 -12.98 -14.05
N ALA A 21 5.81 -13.93 -13.52
CA ALA A 21 6.50 -14.89 -14.37
C ALA A 21 5.53 -15.71 -15.23
N ASN A 22 4.36 -16.01 -14.69
CA ASN A 22 3.40 -16.82 -15.43
C ASN A 22 2.59 -15.98 -16.43
N ASN A 23 2.78 -14.66 -16.45
CA ASN A 23 1.98 -13.77 -17.27
C ASN A 23 2.83 -12.73 -17.97
N GLY A 24 3.83 -13.20 -18.69
CA GLY A 24 4.57 -12.34 -19.58
C GLY A 24 5.59 -11.48 -18.89
N GLY A 25 5.86 -11.70 -17.59
CA GLY A 25 6.83 -10.91 -16.87
C GLY A 25 6.40 -9.67 -16.16
N ASN A 26 5.11 -9.40 -16.07
CA ASN A 26 4.64 -8.14 -15.44
C ASN A 26 3.25 -8.31 -14.83
N ARG A 27 2.82 -7.27 -14.10
CA ARG A 27 1.49 -7.23 -13.49
C ARG A 27 0.85 -5.91 -13.90
N ALA A 28 0.94 -5.52 -15.20
CA ALA A 28 0.53 -4.21 -15.66
C ALA A 28 -0.94 -4.14 -16.08
N HIS A 29 -1.51 -2.95 -15.93
CA HIS A 29 -2.86 -2.67 -16.43
C HIS A 29 -3.07 -3.18 -17.84
N GLY A 30 -4.19 -3.87 -18.06
CA GLY A 30 -4.52 -4.30 -19.42
C GLY A 30 -3.80 -5.58 -19.81
N ARG A 31 -3.01 -6.14 -18.89
CA ARG A 31 -2.31 -7.40 -19.15
C ARG A 31 -2.71 -8.45 -18.12
N PRO A 32 -2.65 -9.72 -18.45
CA PRO A 32 -3.21 -10.75 -17.55
C PRO A 32 -2.56 -10.83 -16.18
N GLY A 33 -1.31 -10.40 -15.99
CA GLY A 33 -0.71 -10.42 -14.67
C GLY A 33 -1.40 -9.51 -13.67
N TYR A 34 -2.08 -8.44 -14.15
CA TYR A 34 -2.79 -7.58 -13.21
C TYR A 34 -4.01 -8.30 -12.65
N LYS A 35 -4.89 -8.80 -13.53
CA LYS A 35 -6.11 -9.43 -13.05
C LYS A 35 -5.75 -10.66 -12.23
N ALA A 36 -4.65 -11.37 -12.55
CA ALA A 36 -4.27 -12.51 -11.74
C ALA A 36 -3.82 -12.07 -10.35
N SER A 37 -3.18 -10.92 -10.19
CA SER A 37 -2.84 -10.32 -8.92
C SER A 37 -4.11 -10.03 -8.11
N VAL A 38 -5.09 -9.42 -8.74
CA VAL A 38 -6.37 -9.14 -8.11
C VAL A 38 -7.00 -10.41 -7.60
N ASP A 39 -6.99 -11.47 -8.44
CA ASP A 39 -7.66 -12.70 -8.03
C ASP A 39 -7.00 -13.30 -6.79
N TYR A 40 -5.66 -13.27 -6.75
CA TYR A 40 -4.95 -13.81 -5.56
C TYR A 40 -5.35 -13.06 -4.31
N VAL A 41 -5.32 -11.73 -4.34
CA VAL A 41 -5.61 -10.88 -3.15
C VAL A 41 -7.06 -11.09 -2.73
N LYS A 42 -7.97 -11.08 -3.68
CA LYS A 42 -9.40 -11.25 -3.41
C LYS A 42 -9.67 -12.58 -2.73
N ALA A 43 -9.07 -13.66 -3.21
CA ALA A 43 -9.39 -14.97 -2.61
C ALA A 43 -8.97 -15.00 -1.15
N LYS A 44 -7.82 -14.38 -0.81
CA LYS A 44 -7.41 -14.38 0.59
C LYS A 44 -8.39 -13.62 1.45
N LEU A 45 -8.83 -12.46 0.97
CA LEU A 45 -9.78 -11.63 1.71
C LEU A 45 -11.13 -12.29 1.90
N ASP A 46 -11.65 -12.91 0.83
CA ASP A 46 -12.95 -13.56 0.91
C ASP A 46 -12.92 -14.66 1.97
N ALA A 47 -11.83 -15.46 1.99
CA ALA A 47 -11.71 -16.56 2.93
C ALA A 47 -11.60 -16.11 4.39
N ALA A 48 -11.09 -14.89 4.59
CA ALA A 48 -10.98 -14.33 5.93
C ALA A 48 -12.26 -13.63 6.38
N GLY A 49 -13.27 -13.48 5.50
CA GLY A 49 -14.55 -12.93 5.93
C GLY A 49 -14.87 -11.55 5.41
N TYR A 50 -14.01 -10.93 4.59
CA TYR A 50 -14.30 -9.64 3.97
C TYR A 50 -15.44 -9.73 2.98
N THR A 51 -16.20 -8.62 2.85
CA THR A 51 -17.12 -8.40 1.74
C THR A 51 -16.34 -7.70 0.64
N THR A 52 -16.06 -8.32 -0.50
CA THR A 52 -15.22 -7.73 -1.49
C THR A 52 -16.04 -7.30 -2.70
N THR A 53 -15.55 -6.22 -3.33
CA THR A 53 -16.14 -5.67 -4.54
C THR A 53 -15.07 -5.54 -5.62
N LEU A 54 -15.34 -6.03 -6.82
CA LEU A 54 -14.50 -5.77 -7.96
C LEU A 54 -15.06 -4.57 -8.69
N GLN A 55 -14.39 -3.42 -8.69
CA GLN A 55 -14.86 -2.20 -9.36
C GLN A 55 -14.14 -2.08 -10.69
N GLN A 56 -14.92 -2.23 -11.75
CA GLN A 56 -14.35 -2.24 -13.11
C GLN A 56 -14.36 -0.85 -13.74
N PHE A 57 -13.33 -0.56 -14.54
CA PHE A 57 -13.26 0.69 -15.31
C PHE A 57 -12.57 0.39 -16.64
N THR A 58 -12.62 1.33 -17.56
CA THR A 58 -11.91 1.16 -18.83
C THR A 58 -10.93 2.32 -19.01
N SER A 59 -9.67 1.96 -19.29
CA SER A 59 -8.73 3.04 -19.53
C SER A 59 -7.82 2.58 -20.64
N GLY A 60 -7.57 3.45 -21.62
CA GLY A 60 -6.60 3.06 -22.63
C GLY A 60 -7.10 1.88 -23.45
N GLY A 61 -8.42 1.83 -23.59
CA GLY A 61 -8.95 0.72 -24.39
C GLY A 61 -9.04 -0.61 -23.67
N ALA A 62 -8.66 -0.72 -22.38
CA ALA A 62 -8.53 -2.01 -21.71
C ALA A 62 -9.24 -1.91 -20.36
N THR A 63 -9.79 -3.03 -19.94
CA THR A 63 -10.48 -3.13 -18.67
C THR A 63 -9.47 -3.10 -17.52
N GLY A 64 -9.80 -2.26 -16.54
CA GLY A 64 -9.05 -2.21 -15.30
C GLY A 64 -9.93 -2.57 -14.13
N TYR A 65 -9.30 -2.77 -12.97
CA TYR A 65 -10.03 -3.15 -11.77
C TYR A 65 -9.43 -2.48 -10.55
N ASN A 66 -10.34 -2.05 -9.64
CA ASN A 66 -9.97 -1.84 -8.25
C ASN A 66 -10.56 -2.98 -7.42
N LEU A 67 -9.87 -3.41 -6.37
CA LEU A 67 -10.44 -4.40 -5.44
C LEU A 67 -10.71 -3.68 -4.11
N ILE A 68 -11.95 -3.67 -3.68
CA ILE A 68 -12.40 -3.04 -2.45
C ILE A 68 -12.81 -4.13 -1.44
N ALA A 69 -12.37 -4.03 -0.19
CA ALA A 69 -12.65 -5.07 0.79
C ALA A 69 -13.16 -4.39 2.06
N ASN A 70 -14.42 -4.64 2.42
CA ASN A 70 -15.05 -4.05 3.60
C ASN A 70 -15.10 -5.07 4.72
N TRP A 71 -14.60 -4.70 5.90
CA TRP A 71 -14.67 -5.59 7.05
C TRP A 71 -16.05 -5.40 7.68
N PRO A 72 -16.91 -6.39 7.70
CA PRO A 72 -18.27 -6.16 8.22
C PRO A 72 -18.26 -5.62 9.65
N GLY A 73 -19.11 -4.59 9.88
CA GLY A 73 -19.26 -4.04 11.23
C GLY A 73 -18.73 -2.61 11.30
N GLY A 74 -18.78 -2.05 12.50
CA GLY A 74 -18.24 -0.73 12.77
C GLY A 74 -19.21 0.38 12.39
N ASP A 75 -18.87 1.60 12.77
CA ASP A 75 -19.75 2.75 12.55
C ASP A 75 -19.80 3.10 11.09
N PRO A 76 -20.94 3.05 10.42
CA PRO A 76 -20.92 3.30 8.98
C PRO A 76 -20.59 4.76 8.71
N ASN A 77 -20.70 5.63 9.71
CA ASN A 77 -20.47 7.06 9.43
C ASN A 77 -19.02 7.44 9.65
N LYS A 78 -18.18 6.51 10.05
CA LYS A 78 -16.76 6.77 10.29
C LYS A 78 -15.98 5.59 9.68
N VAL A 79 -15.56 5.79 8.42
CA VAL A 79 -14.88 4.73 7.69
C VAL A 79 -13.38 5.01 7.58
N LEU A 80 -12.51 4.10 7.99
CA LEU A 80 -11.09 4.29 7.83
C LEU A 80 -10.65 3.41 6.69
N MET A 81 -10.00 4.00 5.68
CA MET A 81 -9.51 3.30 4.52
C MET A 81 -7.98 3.20 4.48
N ALA A 82 -7.50 2.10 3.96
CA ALA A 82 -6.09 1.91 3.68
C ALA A 82 -5.95 1.26 2.32
N GLY A 83 -4.92 1.69 1.54
CA GLY A 83 -4.79 1.11 0.20
C GLY A 83 -3.38 1.20 -0.38
N ALA A 84 -3.27 0.62 -1.56
CA ALA A 84 -2.00 0.41 -2.23
C ALA A 84 -2.32 0.08 -3.69
N HIS A 85 -1.55 0.65 -4.64
CA HIS A 85 -1.79 0.20 -6.03
C HIS A 85 -1.18 -1.17 -6.25
N LEU A 86 -1.94 -1.98 -7.00
CA LEU A 86 -1.59 -3.38 -7.26
C LEU A 86 -1.04 -3.60 -8.65
N ASP A 87 -1.01 -2.58 -9.50
CA ASP A 87 -0.42 -2.70 -10.83
C ASP A 87 1.09 -2.43 -10.78
N SER A 88 1.81 -3.05 -11.73
CA SER A 88 3.21 -2.70 -12.00
C SER A 88 3.29 -2.00 -13.34
N VAL A 89 4.45 -1.41 -13.65
CA VAL A 89 4.79 -1.08 -15.03
C VAL A 89 5.00 -2.39 -15.80
N SER A 90 5.00 -2.29 -17.14
CA SER A 90 5.10 -3.53 -17.92
C SER A 90 6.53 -4.02 -18.04
N SER A 91 7.56 -3.29 -17.58
CA SER A 91 8.91 -3.81 -17.72
C SER A 91 9.23 -4.94 -16.76
N GLY A 92 8.45 -5.15 -15.70
CA GLY A 92 8.85 -6.14 -14.66
C GLY A 92 7.73 -6.44 -13.71
N ALA A 93 8.12 -7.19 -12.66
CA ALA A 93 7.13 -7.73 -11.75
C ALA A 93 6.64 -6.71 -10.74
N GLY A 94 7.30 -5.55 -10.62
CA GLY A 94 6.88 -4.51 -9.66
C GLY A 94 6.80 -5.03 -8.22
N ILE A 95 7.86 -5.72 -7.78
CA ILE A 95 7.79 -6.25 -6.40
C ILE A 95 7.91 -5.16 -5.35
N ASN A 96 8.86 -4.24 -5.43
CA ASN A 96 8.84 -3.10 -4.50
C ASN A 96 7.76 -2.12 -4.93
N ASP A 97 7.64 -1.85 -6.24
CA ASP A 97 6.64 -0.91 -6.75
C ASP A 97 5.56 -1.65 -7.52
N ASN A 98 4.47 -2.05 -6.89
CA ASN A 98 4.13 -1.82 -5.49
C ASN A 98 3.57 -3.10 -4.90
N GLY A 99 4.23 -4.23 -5.18
CA GLY A 99 3.93 -5.43 -4.35
C GLY A 99 4.14 -5.19 -2.90
N SER A 100 5.14 -4.40 -2.49
CA SER A 100 5.45 -4.15 -1.09
C SER A 100 4.23 -3.55 -0.40
N GLY A 101 3.67 -2.45 -0.90
CA GLY A 101 2.51 -1.84 -0.23
C GLY A 101 1.32 -2.76 -0.29
N SER A 102 1.10 -3.41 -1.45
CA SER A 102 -0.05 -4.28 -1.63
C SER A 102 -0.01 -5.44 -0.63
N ALA A 103 1.17 -6.02 -0.40
CA ALA A 103 1.33 -7.12 0.52
C ALA A 103 1.19 -6.69 1.96
N ALA A 104 1.65 -5.51 2.34
CA ALA A 104 1.50 -5.07 3.72
C ALA A 104 0.04 -4.80 4.04
N VAL A 105 -0.71 -4.18 3.10
CA VAL A 105 -2.11 -3.85 3.29
C VAL A 105 -2.85 -5.18 3.37
N LEU A 106 -2.58 -6.12 2.47
CA LEU A 106 -3.27 -7.43 2.52
C LEU A 106 -3.00 -8.11 3.87
N GLU A 107 -1.72 -8.16 4.31
CA GLU A 107 -1.44 -8.91 5.54
C GLU A 107 -2.09 -8.18 6.72
N THR A 108 -2.17 -6.86 6.71
CA THR A 108 -2.90 -6.14 7.80
C THR A 108 -4.40 -6.48 7.80
N ALA A 109 -5.01 -6.55 6.63
CA ALA A 109 -6.44 -6.95 6.54
C ALA A 109 -6.60 -8.37 7.06
N LEU A 110 -5.69 -9.30 6.72
CA LEU A 110 -5.79 -10.68 7.27
C LEU A 110 -5.59 -10.70 8.76
N ALA A 111 -4.75 -9.84 9.31
CA ALA A 111 -4.44 -9.74 10.73
C ALA A 111 -5.68 -9.28 11.46
N VAL A 112 -6.50 -8.42 10.87
CA VAL A 112 -7.74 -8.01 11.56
C VAL A 112 -8.59 -9.21 11.87
N SER A 113 -8.77 -10.06 10.83
CA SER A 113 -9.60 -11.25 10.99
C SER A 113 -8.98 -12.22 11.96
N ARG A 114 -7.69 -12.47 11.88
CA ARG A 114 -6.99 -13.39 12.79
C ARG A 114 -7.09 -12.97 14.25
N ALA A 115 -7.11 -11.66 14.48
CA ALA A 115 -7.21 -11.11 15.82
C ALA A 115 -8.65 -11.06 16.33
N GLY A 116 -9.63 -11.31 15.48
CA GLY A 116 -11.02 -11.13 15.96
C GLY A 116 -11.30 -9.67 16.32
N TYR A 117 -10.68 -8.74 15.58
CA TYR A 117 -10.85 -7.31 15.88
C TYR A 117 -12.20 -6.79 15.43
N GLN A 118 -12.82 -6.00 16.29
CA GLN A 118 -14.07 -5.28 15.99
C GLN A 118 -13.79 -3.80 16.12
N PRO A 119 -13.23 -3.15 15.08
CA PRO A 119 -12.91 -1.72 15.21
C PRO A 119 -14.20 -0.90 15.38
N ASP A 120 -14.06 0.20 16.13
CA ASP A 120 -15.18 1.13 16.27
C ASP A 120 -15.54 1.78 14.95
N LYS A 121 -14.55 2.15 14.15
CA LYS A 121 -14.74 2.65 12.81
C LYS A 121 -14.84 1.49 11.83
N HIS A 122 -15.67 1.58 10.82
CA HIS A 122 -15.70 0.57 9.75
C HIS A 122 -14.40 0.58 8.97
N LEU A 123 -13.80 -0.57 8.72
CA LEU A 123 -12.58 -0.63 7.94
C LEU A 123 -12.86 -1.03 6.50
N ARG A 124 -12.17 -0.33 5.61
CA ARG A 124 -12.26 -0.63 4.15
C ARG A 124 -10.85 -0.59 3.53
N PHE A 125 -10.45 -1.66 2.88
CA PHE A 125 -9.14 -1.72 2.26
C PHE A 125 -9.28 -1.69 0.73
N ALA A 126 -8.26 -1.14 0.05
CA ALA A 126 -8.36 -1.07 -1.40
C ALA A 126 -7.02 -1.37 -2.07
N TRP A 127 -7.13 -2.04 -3.23
CA TRP A 127 -6.02 -2.31 -4.12
C TRP A 127 -6.37 -1.63 -5.44
N TRP A 128 -5.59 -0.61 -5.79
CA TRP A 128 -5.90 0.18 -6.98
C TRP A 128 -5.29 -0.37 -8.27
N GLY A 129 -6.09 -0.31 -9.33
CA GLY A 129 -5.60 -0.57 -10.68
C GLY A 129 -5.07 0.68 -11.36
N ALA A 130 -4.22 0.51 -12.35
CA ALA A 130 -3.87 1.55 -13.32
C ALA A 130 -3.29 2.78 -12.65
N GLU A 131 -2.61 2.62 -11.50
CA GLU A 131 -1.94 3.77 -10.93
C GLU A 131 -0.83 4.24 -11.87
N GLU A 132 -0.16 3.34 -12.56
CA GLU A 132 0.97 3.75 -13.40
C GLU A 132 0.53 4.52 -14.62
N LEU A 133 -0.79 4.55 -14.92
CA LEU A 133 -1.31 5.34 -16.05
C LEU A 133 -1.68 6.74 -15.59
N GLY A 134 -1.49 7.06 -14.33
CA GLY A 134 -1.80 8.40 -13.77
C GLY A 134 -2.93 8.32 -12.74
N LEU A 135 -2.83 7.42 -11.76
CA LEU A 135 -3.77 7.34 -10.67
C LEU A 135 -5.16 7.00 -11.19
N ILE A 136 -5.29 6.24 -12.27
CA ILE A 136 -6.60 6.12 -12.90
C ILE A 136 -7.58 5.37 -12.02
N GLY A 137 -7.16 4.31 -11.34
CA GLY A 137 -8.08 3.54 -10.53
C GLY A 137 -8.54 4.28 -9.30
N SER A 138 -7.65 4.96 -8.58
CA SER A 138 -8.05 5.71 -7.37
C SER A 138 -8.87 6.93 -7.78
N LYS A 139 -8.53 7.57 -8.87
CA LYS A 139 -9.40 8.68 -9.37
C LYS A 139 -10.77 8.14 -9.71
N PHE A 140 -10.86 6.96 -10.32
CA PHE A 140 -12.17 6.39 -10.66
C PHE A 140 -12.96 6.16 -9.38
N TYR A 141 -12.34 5.56 -8.35
CA TYR A 141 -13.04 5.29 -7.10
C TYR A 141 -13.58 6.58 -6.48
N VAL A 142 -12.73 7.60 -6.34
CA VAL A 142 -13.16 8.86 -5.73
C VAL A 142 -14.21 9.54 -6.58
N ASN A 143 -14.05 9.51 -7.89
CA ASN A 143 -15.03 10.13 -8.79
C ASN A 143 -16.38 9.44 -8.75
N ASN A 144 -16.41 8.18 -8.38
CA ASN A 144 -17.65 7.42 -8.30
C ASN A 144 -18.15 7.17 -6.88
N LEU A 145 -17.50 7.73 -5.89
CA LEU A 145 -17.94 7.63 -4.51
C LEU A 145 -18.89 8.77 -4.23
N PRO A 146 -20.17 8.53 -3.94
CA PRO A 146 -21.12 9.64 -3.77
C PRO A 146 -20.63 10.55 -2.66
N SER A 147 -21.00 11.83 -2.73
CA SER A 147 -20.55 12.78 -1.69
C SER A 147 -21.00 12.32 -0.33
N ALA A 148 -22.18 11.71 -0.21
CA ALA A 148 -22.55 11.28 1.14
C ALA A 148 -21.61 10.24 1.74
N ASP A 149 -21.07 9.34 0.90
CA ASP A 149 -20.08 8.38 1.38
C ASP A 149 -18.70 8.99 1.53
N ARG A 150 -18.35 9.95 0.68
CA ARG A 150 -17.08 10.66 0.88
C ARG A 150 -16.98 11.27 2.28
N SER A 151 -18.09 11.88 2.71
CA SER A 151 -18.12 12.55 4.00
C SER A 151 -17.99 11.57 5.13
N LYS A 152 -18.28 10.30 4.92
CA LYS A 152 -18.11 9.30 5.98
C LYS A 152 -16.67 8.83 6.15
N LEU A 153 -15.78 9.20 5.23
CA LEU A 153 -14.39 8.77 5.34
C LEU A 153 -13.63 9.51 6.43
N ALA A 154 -13.15 8.80 7.43
CA ALA A 154 -12.31 9.37 8.46
C ALA A 154 -10.86 9.56 8.01
N GLY A 155 -10.40 8.79 7.04
CA GLY A 155 -9.00 8.89 6.60
C GLY A 155 -8.77 7.88 5.51
N TYR A 156 -7.72 8.17 4.74
CA TYR A 156 -7.19 7.26 3.73
C TYR A 156 -5.69 7.13 3.98
N LEU A 157 -5.17 5.91 4.20
CA LEU A 157 -3.75 5.64 4.41
C LEU A 157 -3.16 4.97 3.18
N ASN A 158 -2.05 5.47 2.66
CA ASN A 158 -1.54 4.94 1.41
C ASN A 158 -0.16 4.32 1.57
N PHE A 159 0.06 3.20 0.91
CA PHE A 159 1.34 2.46 1.04
C PHE A 159 1.81 2.17 -0.39
N ASP A 160 2.79 2.91 -0.89
CA ASP A 160 3.30 2.81 -2.25
C ASP A 160 4.83 2.87 -2.23
N MET A 161 5.48 1.70 -2.34
CA MET A 161 6.93 1.50 -2.25
C MET A 161 7.40 1.63 -0.81
N ILE A 162 7.42 0.49 -0.12
CA ILE A 162 7.77 0.50 1.34
C ILE A 162 8.83 -0.54 1.63
N GLY A 163 9.48 -1.13 0.62
CA GLY A 163 10.53 -2.13 0.82
C GLY A 163 11.79 -1.77 0.07
N SER A 164 12.08 -0.51 -0.17
CA SER A 164 13.21 -0.17 -1.07
C SER A 164 14.53 -0.70 -0.55
N PRO A 165 15.37 -1.33 -1.38
CA PRO A 165 16.62 -1.92 -0.88
C PRO A 165 17.61 -0.98 -0.20
N ASN A 166 17.59 0.29 -0.50
CA ASN A 166 18.50 1.27 0.12
C ASN A 166 17.62 2.35 0.76
N PRO A 167 16.85 1.94 1.78
CA PRO A 167 15.66 2.70 2.14
C PRO A 167 15.90 3.97 2.94
N GLY A 168 14.96 4.90 2.74
CA GLY A 168 14.73 5.90 3.77
C GLY A 168 13.38 5.59 4.42
N TYR A 169 13.14 6.33 5.52
CA TYR A 169 11.85 6.19 6.19
C TYR A 169 11.06 7.47 6.11
N PHE A 170 10.22 7.58 5.09
CA PHE A 170 9.45 8.81 4.84
C PHE A 170 8.00 8.63 5.27
N VAL A 171 7.51 9.64 5.97
CA VAL A 171 6.11 9.66 6.41
C VAL A 171 5.46 10.86 5.75
N TYR A 172 4.26 10.69 5.15
CA TYR A 172 3.63 11.84 4.51
C TYR A 172 3.34 12.92 5.57
N ASP A 173 3.51 14.17 5.21
CA ASP A 173 3.19 15.32 6.07
C ASP A 173 1.85 15.90 5.64
N ASP A 174 0.80 15.09 5.80
CA ASP A 174 -0.55 15.50 5.44
C ASP A 174 -1.43 15.62 6.67
N ASP A 175 -2.49 14.86 6.87
CA ASP A 175 -3.26 15.02 8.10
C ASP A 175 -2.43 14.86 9.36
N PRO A 176 -2.56 15.76 10.33
CA PRO A 176 -1.67 15.73 11.49
C PRO A 176 -1.91 14.54 12.38
N VAL A 177 -3.15 14.06 12.56
CA VAL A 177 -3.31 12.93 13.46
C VAL A 177 -2.76 11.66 12.84
N ILE A 178 -2.97 11.46 11.54
CA ILE A 178 -2.42 10.28 10.89
C ILE A 178 -0.88 10.32 10.89
N GLU A 179 -0.28 11.48 10.58
CA GLU A 179 1.19 11.60 10.57
C GLU A 179 1.73 11.31 11.96
N LYS A 180 1.11 11.84 13.02
CA LYS A 180 1.64 11.58 14.35
C LYS A 180 1.58 10.11 14.71
N THR A 181 0.55 9.38 14.30
CA THR A 181 0.43 7.95 14.60
C THR A 181 1.59 7.20 13.97
N PHE A 182 1.91 7.53 12.69
CA PHE A 182 3.04 6.80 12.08
C PHE A 182 4.35 7.16 12.75
N LYS A 183 4.56 8.45 12.99
CA LYS A 183 5.82 8.86 13.66
C LYS A 183 5.94 8.29 15.05
N ASN A 184 4.84 8.13 15.78
CA ASN A 184 4.91 7.53 17.11
C ASN A 184 5.43 6.08 17.01
N TYR A 185 4.99 5.34 15.98
CA TYR A 185 5.43 3.94 15.87
C TYR A 185 6.95 3.90 15.66
N PHE A 186 7.48 4.70 14.73
CA PHE A 186 8.89 4.76 14.44
C PHE A 186 9.66 5.26 15.65
N ALA A 187 9.11 6.15 16.46
CA ALA A 187 9.79 6.65 17.65
C ALA A 187 9.99 5.48 18.60
N GLY A 188 9.02 4.57 18.72
CA GLY A 188 9.19 3.41 19.60
C GLY A 188 10.28 2.47 19.13
N LEU A 189 10.63 2.54 17.85
CA LEU A 189 11.75 1.78 17.35
C LEU A 189 13.07 2.52 17.40
N ASN A 190 13.04 3.80 17.73
CA ASN A 190 14.20 4.68 17.71
C ASN A 190 14.72 4.78 16.28
N VAL A 191 13.81 4.82 15.31
CA VAL A 191 14.18 4.99 13.89
C VAL A 191 13.69 6.37 13.46
N PRO A 192 14.58 7.28 13.08
CA PRO A 192 14.09 8.62 12.70
C PRO A 192 13.31 8.57 11.38
N THR A 193 12.45 9.56 11.15
CA THR A 193 11.73 9.61 9.88
C THR A 193 11.97 11.01 9.28
N GLU A 194 11.70 11.14 7.97
CA GLU A 194 11.68 12.45 7.31
C GLU A 194 10.38 12.66 6.58
N ILE A 195 10.04 13.92 6.37
CA ILE A 195 8.81 14.20 5.62
C ILE A 195 8.99 13.73 4.20
N GLU A 196 7.87 13.24 3.67
CA GLU A 196 7.87 12.83 2.26
C GLU A 196 7.81 14.11 1.42
N THR A 197 8.85 14.22 0.59
CA THR A 197 8.77 15.17 -0.52
C THR A 197 8.76 14.47 -1.88
N ARG A 202 2.09 12.32 -5.80
CA ARG A 202 2.09 11.46 -6.95
C ARG A 202 1.84 9.99 -6.60
N SER A 203 0.79 9.76 -5.80
CA SER A 203 0.30 8.40 -5.61
C SER A 203 -1.19 8.44 -5.32
N ASP A 204 -1.80 7.29 -5.00
CA ASP A 204 -3.26 7.20 -4.87
C ASP A 204 -3.89 7.91 -3.72
N HIS A 205 -3.11 8.51 -2.79
CA HIS A 205 -3.76 9.39 -1.83
C HIS A 205 -4.20 10.72 -2.43
N ALA A 206 -3.64 11.11 -3.58
CA ALA A 206 -3.92 12.43 -4.13
C ALA A 206 -5.41 12.64 -4.42
N PRO A 207 -6.13 11.73 -5.06
CA PRO A 207 -7.55 12.02 -5.30
C PRO A 207 -8.38 12.14 -4.03
N PHE A 208 -8.01 11.46 -2.96
CA PHE A 208 -8.68 11.60 -1.69
C PHE A 208 -8.38 12.95 -1.03
N LYS A 209 -7.06 13.27 -0.96
CA LYS A 209 -6.63 14.55 -0.40
C LYS A 209 -7.31 15.73 -1.10
N ASN A 210 -7.44 15.63 -2.43
CA ASN A 210 -7.95 16.76 -3.19
C ASN A 210 -9.45 16.99 -2.96
N VAL A 211 -10.17 16.03 -2.37
CA VAL A 211 -11.57 16.28 -2.03
C VAL A 211 -11.77 16.33 -0.51
N GLY A 212 -10.68 16.59 0.24
CA GLY A 212 -10.74 16.91 1.65
C GLY A 212 -10.82 15.71 2.58
N VAL A 213 -10.54 14.51 2.08
CA VAL A 213 -10.40 13.38 3.00
C VAL A 213 -9.05 13.43 3.69
N PRO A 214 -8.94 13.29 5.01
CA PRO A 214 -7.60 13.27 5.65
C PRO A 214 -6.78 12.11 5.09
N VAL A 215 -5.50 12.31 4.76
CA VAL A 215 -4.64 11.27 4.21
C VAL A 215 -3.30 11.19 4.96
N GLY A 216 -2.65 10.05 4.79
CA GLY A 216 -1.25 9.92 5.18
C GLY A 216 -0.66 8.67 4.58
N GLY A 217 0.61 8.36 4.91
CA GLY A 217 1.20 7.17 4.31
C GLY A 217 2.67 7.07 4.60
N LEU A 218 3.28 6.03 4.06
CA LEU A 218 4.65 5.65 4.25
C LEU A 218 5.34 5.44 2.91
N PHE A 219 6.62 5.77 2.80
CA PHE A 219 7.34 5.62 1.52
C PHE A 219 8.80 5.38 1.86
N THR A 220 9.51 4.50 1.12
CA THR A 220 10.93 4.30 1.39
C THR A 220 11.87 4.82 0.34
N GLY A 221 11.37 5.53 -0.69
CA GLY A 221 12.20 6.14 -1.72
C GLY A 221 12.21 5.37 -3.04
N ALA A 222 12.43 6.15 -4.12
CA ALA A 222 12.40 5.55 -5.45
C ALA A 222 13.69 5.92 -6.18
N GLY A 223 13.64 6.70 -7.24
CA GLY A 223 14.80 6.98 -8.09
C GLY A 223 15.75 8.04 -7.58
N TYR A 224 15.37 8.84 -6.59
CA TYR A 224 16.30 9.82 -6.07
C TYR A 224 17.46 9.13 -5.33
N THR A 225 18.56 9.85 -5.18
CA THR A 225 19.75 9.35 -4.51
C THR A 225 19.75 9.59 -3.01
N LYS A 226 20.12 8.56 -2.27
CA LYS A 226 20.26 8.68 -0.83
C LYS A 226 21.40 9.62 -0.48
N SER A 227 21.23 10.60 0.37
CA SER A 227 22.31 11.54 0.69
C SER A 227 23.22 10.95 1.75
N ALA A 228 24.39 11.56 1.93
CA ALA A 228 25.28 11.26 3.03
C ALA A 228 24.54 11.32 4.35
N ALA A 229 23.77 12.36 4.61
CA ALA A 229 23.06 12.50 5.88
C ALA A 229 22.04 11.41 6.11
N GLN A 230 21.37 11.01 5.05
CA GLN A 230 20.36 9.92 5.15
C GLN A 230 21.03 8.58 5.39
N ALA A 231 22.20 8.35 4.74
CA ALA A 231 22.95 7.11 5.03
C ALA A 231 23.46 7.09 6.45
N GLN A 232 23.84 8.22 7.01
CA GLN A 232 24.27 8.28 8.39
C GLN A 232 23.10 7.93 9.30
N LYS A 233 21.87 8.40 9.00
CA LYS A 233 20.81 8.16 10.00
C LYS A 233 20.15 6.81 9.80
N TRP A 234 20.18 6.23 8.61
CA TRP A 234 19.42 5.01 8.31
C TRP A 234 20.30 3.85 7.86
N GLY A 235 21.57 4.08 7.59
CA GLY A 235 22.38 3.01 6.99
C GLY A 235 22.19 2.99 5.47
N GLY A 236 22.75 1.98 4.80
CA GLY A 236 22.72 1.86 3.37
C GLY A 236 23.85 2.55 2.64
N THR A 237 23.62 2.94 1.40
CA THR A 237 24.72 3.40 0.55
C THR A 237 24.45 4.83 0.14
N ALA A 238 25.23 5.79 0.64
CA ALA A 238 25.09 7.15 0.11
C ALA A 238 25.46 7.20 -1.38
N GLY A 239 24.74 7.98 -2.17
CA GLY A 239 25.05 8.20 -3.56
C GLY A 239 24.41 7.16 -4.46
N GLN A 240 23.67 6.20 -3.92
CA GLN A 240 22.91 5.27 -4.74
C GLN A 240 21.40 5.56 -4.58
N ALA A 241 20.62 5.26 -5.59
CA ALA A 241 19.17 5.43 -5.50
C ALA A 241 18.64 4.63 -4.32
N PHE A 242 17.54 5.10 -3.74
CA PHE A 242 16.78 4.31 -2.75
C PHE A 242 16.34 2.99 -3.40
N ASP A 243 15.90 3.08 -4.68
CA ASP A 243 15.52 1.86 -5.41
C ASP A 243 16.22 1.91 -6.76
N ARG A 244 17.31 1.18 -6.92
CA ARG A 244 18.09 1.08 -8.14
C ARG A 244 17.32 0.35 -9.24
N CYS A 245 16.17 -0.23 -8.92
CA CYS A 245 15.46 -1.05 -9.89
C CYS A 245 14.07 -0.46 -10.10
N TYR A 246 13.91 0.81 -9.77
CA TYR A 246 12.62 1.50 -9.96
C TYR A 246 12.18 1.38 -11.41
N HIS A 247 10.99 0.85 -11.63
CA HIS A 247 10.36 0.73 -12.93
C HIS A 247 11.16 -0.13 -13.89
N SER A 248 11.95 -1.05 -13.36
CA SER A 248 12.90 -1.84 -14.14
C SER A 248 12.55 -3.32 -14.09
N SER A 249 13.15 -4.08 -15.01
CA SER A 249 12.93 -5.51 -14.99
C SER A 249 13.54 -6.14 -13.73
N CYS A 250 14.47 -5.47 -13.05
CA CYS A 250 15.11 -5.98 -11.84
C CYS A 250 14.28 -5.65 -10.61
N ASP A 251 13.06 -5.14 -10.70
CA ASP A 251 12.19 -4.95 -9.53
C ASP A 251 11.52 -6.29 -9.20
N SER A 252 12.35 -7.20 -8.71
CA SER A 252 12.13 -8.61 -8.48
C SER A 252 12.11 -8.93 -6.97
N LEU A 253 12.01 -10.20 -6.60
CA LEU A 253 12.07 -10.54 -5.18
C LEU A 253 13.36 -10.09 -4.51
N SER A 254 14.45 -9.96 -5.26
CA SER A 254 15.74 -9.48 -4.75
C SER A 254 15.73 -8.00 -4.45
N ASN A 255 14.72 -7.26 -4.94
CA ASN A 255 14.69 -5.79 -4.79
C ASN A 255 13.90 -5.34 -3.57
N ILE A 256 14.15 -5.99 -2.46
CA ILE A 256 13.44 -5.70 -1.19
C ILE A 256 14.43 -5.63 -0.04
N ASN A 257 14.32 -4.61 0.79
CA ASN A 257 15.00 -4.55 2.10
C ASN A 257 14.04 -5.11 3.11
N ASP A 258 14.34 -6.28 3.69
CA ASP A 258 13.42 -6.92 4.61
C ASP A 258 13.13 -6.07 5.83
N THR A 259 14.13 -5.41 6.39
CA THR A 259 13.90 -4.57 7.58
C THR A 259 12.91 -3.45 7.28
N ALA A 260 13.04 -2.78 6.13
CA ALA A 260 12.09 -1.70 5.82
C ALA A 260 10.69 -2.27 5.60
N LEU A 261 10.61 -3.43 4.91
CA LEU A 261 9.30 -4.01 4.64
C LEU A 261 8.62 -4.35 5.96
N ASP A 262 9.42 -4.92 6.89
CA ASP A 262 8.89 -5.34 8.19
C ASP A 262 8.45 -4.11 8.98
N ARG A 263 9.28 -3.12 9.11
CA ARG A 263 8.95 -1.91 9.89
C ARG A 263 7.71 -1.21 9.34
N ASN A 264 7.63 -1.10 7.99
CA ASN A 264 6.50 -0.36 7.42
C ASN A 264 5.22 -1.18 7.49
N SER A 265 5.29 -2.49 7.38
CA SER A 265 4.09 -3.33 7.57
C SER A 265 3.56 -3.25 8.98
N ASP A 266 4.50 -3.30 9.96
CA ASP A 266 4.10 -3.18 11.37
C ASP A 266 3.52 -1.80 11.67
N ALA A 267 4.09 -0.77 11.08
CA ALA A 267 3.59 0.61 11.27
C ALA A 267 2.22 0.74 10.65
N ALA A 268 2.00 0.13 9.49
CA ALA A 268 0.68 0.13 8.85
C ALA A 268 -0.38 -0.45 9.81
N ALA A 269 -0.09 -1.62 10.38
CA ALA A 269 -1.09 -2.20 11.29
C ALA A 269 -1.29 -1.33 12.52
N HIS A 270 -0.20 -0.77 13.07
CA HIS A 270 -0.28 0.11 14.23
C HIS A 270 -1.22 1.26 13.95
N ALA A 271 -1.04 1.89 12.79
CA ALA A 271 -1.88 3.07 12.50
C ALA A 271 -3.33 2.65 12.27
N ILE A 272 -3.51 1.53 11.56
CA ILE A 272 -4.88 1.09 11.29
C ILE A 272 -5.61 0.76 12.58
N TRP A 273 -4.96 0.10 13.56
CA TRP A 273 -5.61 -0.15 14.83
C TRP A 273 -5.84 1.18 15.56
N THR A 274 -4.86 2.03 15.67
CA THR A 274 -4.96 3.23 16.50
C THR A 274 -6.08 4.14 15.99
N LEU A 275 -6.13 4.28 14.65
CA LEU A 275 -7.05 5.24 14.05
C LEU A 275 -8.46 4.69 13.90
N SER A 276 -8.67 3.39 14.17
CA SER A 276 -10.01 2.83 14.05
C SER A 276 -10.71 2.58 15.38
N SER A 277 -10.06 2.92 16.46
CA SER A 277 -10.56 3.10 17.80
C SER A 277 -11.12 4.50 18.03
ZN ZN B . 4.02 2.90 -6.98
ZN ZN C . 5.64 3.05 -10.31
CA CA D . 6.78 -7.56 12.03
N TRP E . 16.29 -8.82 0.99
CA TRP E . 17.45 -9.29 1.79
C TRP E . 17.60 -8.44 3.05
O TRP E . 16.88 -7.44 3.07
CB TRP E . 18.77 -9.19 1.04
CG TRP E . 18.79 -10.09 -0.15
CD1 TRP E . 19.02 -9.75 -1.45
CD2 TRP E . 18.57 -11.51 -0.10
NE1 TRP E . 18.96 -10.88 -2.23
CE2 TRP E . 18.68 -11.96 -1.43
CE3 TRP E . 18.29 -12.43 0.90
CZ2 TRP E . 18.50 -13.30 -1.76
CZ3 TRP E . 18.11 -13.76 0.60
CH2 TRP E . 18.23 -14.19 -0.74
OXT TRP E . 18.44 -8.78 3.91
N TRP F . 3.55 6.53 -7.37
CA TRP F . 4.90 6.19 -7.83
C TRP F . 4.87 4.95 -8.75
O TRP F . 3.91 4.17 -8.63
CB TRP F . 5.90 5.88 -6.70
CG TRP F . 6.33 7.11 -5.96
CD1 TRP F . 7.39 7.93 -6.32
CD2 TRP F . 5.80 7.69 -4.76
NE1 TRP F . 7.53 8.97 -5.42
CE2 TRP F . 6.57 8.84 -4.45
CE3 TRP F . 4.78 7.36 -3.90
CZ2 TRP F . 6.26 9.59 -3.32
CZ3 TRP F . 4.44 8.08 -2.79
CH2 TRP F . 5.20 9.21 -2.50
OXT TRP F . 5.86 4.66 -9.45
#